data_1ISQ
#
_entry.id   1ISQ
#
_cell.length_a   91.847
_cell.length_b   91.847
_cell.length_c   64.144
_cell.angle_alpha   90.00
_cell.angle_beta   90.00
_cell.angle_gamma   120.00
#
_symmetry.space_group_name_H-M   'P 63'
#
loop_
_entity.id
_entity.type
_entity.pdbx_description
1 polymer 'Proliferating Cell Nuclear Antigen'
2 polymer 'replication factor C large subunit'
3 water water
#
loop_
_entity_poly.entity_id
_entity_poly.type
_entity_poly.pdbx_seq_one_letter_code
_entity_poly.pdbx_strand_id
1 'polypeptide(L)'
;MPFEIVFEGAKEFAQLIDTASKLIDEAAFKVTEDGISMRAMDPSRVVLIDLNLPSSIFSKYEVVEPETIGVNLDHLKKIL
KRGKAKDTLILKKGEENFLEITIQGTATRTFRVPLIDVEEMEVDLPELPFTAKVVVLGEVLKDAVKDASLVSDSIKFIAR
ENEFIMKAEGETQEVEIKLTLEDEGLLDIEVQEETKSAYGVSYLSDMVKGLGKADEVTIKFGNEMPMQMEYYIRDEGRLT
FLLAPRVEE
;
A
2 'polypeptide(L)' (ACE)KQATLFDFLKK B
#
loop_
_chem_comp.id
_chem_comp.type
_chem_comp.name
_chem_comp.formula
ACE non-polymer 'ACETYL GROUP' 'C2 H4 O'
#
# COMPACT_ATOMS: atom_id res chain seq x y z
N PRO A 2 3.69 -8.55 24.88
CA PRO A 2 4.69 -7.48 25.11
C PRO A 2 5.75 -7.47 24.01
N PHE A 3 6.33 -6.30 23.76
CA PHE A 3 7.36 -6.16 22.74
C PHE A 3 7.92 -4.75 22.67
N GLU A 4 9.13 -4.65 22.14
CA GLU A 4 9.78 -3.37 21.92
C GLU A 4 10.34 -3.51 20.51
N ILE A 5 9.90 -2.63 19.62
CA ILE A 5 10.34 -2.66 18.24
C ILE A 5 10.87 -1.29 17.85
N VAL A 6 12.04 -1.24 17.21
CA VAL A 6 12.63 0.02 16.80
C VAL A 6 12.89 0.06 15.29
N PHE A 7 12.35 1.08 14.64
CA PHE A 7 12.51 1.28 13.20
C PHE A 7 13.28 2.59 13.05
N GLU A 8 14.33 2.58 12.25
CA GLU A 8 15.15 3.76 12.01
C GLU A 8 14.63 4.43 10.76
N GLY A 9 14.06 5.63 10.93
CA GLY A 9 13.49 6.37 9.82
C GLY A 9 12.00 6.58 10.10
N ALA A 10 11.67 7.39 11.10
CA ALA A 10 10.29 7.65 11.48
C ALA A 10 9.45 8.20 10.34
N LYS A 11 9.98 9.17 9.63
CA LYS A 11 9.24 9.76 8.52
C LYS A 11 8.80 8.67 7.55
N GLU A 12 9.72 7.80 7.14
CA GLU A 12 9.36 6.74 6.20
C GLU A 12 8.28 5.81 6.74
N PHE A 13 8.29 5.55 8.03
CA PHE A 13 7.29 4.68 8.65
C PHE A 13 5.93 5.39 8.66
N ALA A 14 5.97 6.69 8.89
CA ALA A 14 4.75 7.51 8.91
C ALA A 14 4.10 7.49 7.54
N GLN A 15 4.91 7.59 6.48
CA GLN A 15 4.38 7.59 5.12
C GLN A 15 3.72 6.24 4.79
N LEU A 16 4.33 5.16 5.25
CA LEU A 16 3.78 3.83 5.03
C LEU A 16 2.40 3.81 5.68
N ILE A 17 2.33 4.33 6.90
CA ILE A 17 1.06 4.40 7.62
C ILE A 17 0.11 5.38 6.96
N ASP A 18 0.62 6.49 6.41
CA ASP A 18 -0.27 7.43 5.75
C ASP A 18 -0.86 6.78 4.48
N THR A 19 -0.06 6.00 3.77
CA THR A 19 -0.59 5.33 2.58
C THR A 19 -1.76 4.44 2.99
N ALA A 20 -1.58 3.65 4.04
CA ALA A 20 -2.64 2.75 4.50
C ALA A 20 -3.91 3.48 4.99
N SER A 21 -3.73 4.61 5.68
CA SER A 21 -4.88 5.36 6.19
C SER A 21 -5.80 5.87 5.08
N LYS A 22 -5.28 6.02 3.87
CA LYS A 22 -6.13 6.53 2.80
C LYS A 22 -7.31 5.61 2.51
N LEU A 23 -7.11 4.30 2.58
CA LEU A 23 -8.19 3.35 2.32
C LEU A 23 -8.91 2.91 3.57
N ILE A 24 -8.17 2.71 4.66
CA ILE A 24 -8.76 2.26 5.91
C ILE A 24 -8.57 3.23 7.08
N ASP A 25 -9.47 3.16 8.06
CA ASP A 25 -9.44 4.04 9.22
C ASP A 25 -8.75 3.41 10.43
N GLU A 26 -8.97 2.11 10.62
CA GLU A 26 -8.38 1.40 11.75
C GLU A 26 -8.05 0.00 11.29
N ALA A 27 -7.05 -0.62 11.92
CA ALA A 27 -6.64 -1.96 11.53
C ALA A 27 -5.98 -2.69 12.71
N ALA A 28 -5.95 -4.02 12.61
CA ALA A 28 -5.36 -4.85 13.65
C ALA A 28 -3.95 -5.21 13.23
N PHE A 29 -2.97 -4.84 14.04
CA PHE A 29 -1.59 -5.17 13.71
C PHE A 29 -1.19 -6.40 14.51
N LYS A 30 -0.74 -7.44 13.82
CA LYS A 30 -0.32 -8.66 14.47
C LYS A 30 1.19 -8.67 14.61
N VAL A 31 1.65 -8.66 15.85
CA VAL A 31 3.07 -8.67 16.15
C VAL A 31 3.51 -10.07 16.57
N THR A 32 4.40 -10.67 15.79
CA THR A 32 4.92 -11.99 16.11
C THR A 32 6.43 -11.88 16.09
N GLU A 33 7.12 -12.99 16.35
CA GLU A 33 8.58 -12.95 16.36
C GLU A 33 9.22 -12.70 15.00
N ASP A 34 8.50 -13.03 13.93
CA ASP A 34 9.06 -12.84 12.59
C ASP A 34 8.83 -11.46 11.98
N GLY A 35 7.87 -10.71 12.50
CA GLY A 35 7.62 -9.38 11.99
C GLY A 35 6.22 -8.87 12.29
N ILE A 36 5.89 -7.71 11.75
CA ILE A 36 4.58 -7.15 11.98
C ILE A 36 3.81 -7.31 10.69
N SER A 37 2.52 -7.60 10.81
CA SER A 37 1.69 -7.76 9.64
C SER A 37 0.34 -7.14 9.91
N MET A 38 -0.28 -6.60 8.86
CA MET A 38 -1.59 -6.00 9.01
C MET A 38 -2.40 -6.30 7.76
N ARG A 39 -3.69 -6.58 7.95
CA ARG A 39 -4.53 -6.89 6.82
C ARG A 39 -5.94 -6.37 7.05
N ALA A 40 -6.47 -5.62 6.09
CA ALA A 40 -7.80 -5.07 6.22
C ALA A 40 -8.43 -4.71 4.89
N MET A 41 -9.76 -4.62 4.88
CA MET A 41 -10.50 -4.24 3.69
C MET A 41 -11.04 -2.84 3.94
N ASP A 42 -11.21 -2.08 2.86
CA ASP A 42 -11.74 -0.74 2.99
C ASP A 42 -13.24 -0.86 3.28
N PRO A 43 -13.85 0.23 3.78
CA PRO A 43 -15.28 0.26 4.12
C PRO A 43 -16.20 -0.34 3.05
N SER A 44 -15.99 -0.01 1.78
CA SER A 44 -16.86 -0.52 0.73
C SER A 44 -16.60 -1.96 0.26
N ARG A 45 -15.56 -2.60 0.80
CA ARG A 45 -15.24 -3.99 0.44
C ARG A 45 -14.77 -4.11 -1.00
N VAL A 46 -14.01 -3.13 -1.47
CA VAL A 46 -13.51 -3.14 -2.83
C VAL A 46 -12.00 -3.29 -2.87
N VAL A 47 -11.33 -2.86 -1.79
CA VAL A 47 -9.88 -2.92 -1.72
C VAL A 47 -9.38 -3.55 -0.44
N LEU A 48 -8.42 -4.45 -0.58
CA LEU A 48 -7.84 -5.11 0.57
C LEU A 48 -6.41 -4.57 0.64
N ILE A 49 -5.96 -4.28 1.86
CA ILE A 49 -4.61 -3.81 2.03
C ILE A 49 -3.89 -4.83 2.88
N ASP A 50 -2.70 -5.20 2.45
CA ASP A 50 -1.91 -6.17 3.19
C ASP A 50 -0.51 -5.61 3.38
N LEU A 51 -0.12 -5.47 4.63
CA LEU A 51 1.21 -4.95 4.94
C LEU A 51 2.00 -5.98 5.72
N ASN A 52 3.28 -6.13 5.39
CA ASN A 52 4.14 -7.08 6.08
C ASN A 52 5.52 -6.46 6.32
N LEU A 53 5.91 -6.37 7.58
CA LEU A 53 7.20 -5.79 7.94
C LEU A 53 8.02 -6.78 8.78
N PRO A 54 8.96 -7.48 8.13
CA PRO A 54 9.82 -8.48 8.79
C PRO A 54 10.77 -7.83 9.78
N SER A 55 11.15 -8.59 10.80
CA SER A 55 12.06 -8.13 11.85
C SER A 55 13.40 -7.59 11.35
N SER A 56 13.89 -8.13 10.23
CA SER A 56 15.17 -7.70 9.69
C SER A 56 15.22 -6.22 9.30
N ILE A 57 14.05 -5.60 9.19
CA ILE A 57 13.96 -4.19 8.81
C ILE A 57 14.10 -3.25 10.02
N PHE A 58 14.02 -3.83 11.22
CA PHE A 58 14.11 -3.06 12.44
C PHE A 58 15.49 -3.19 13.08
N SER A 59 15.97 -2.12 13.70
CA SER A 59 17.27 -2.16 14.36
C SER A 59 17.18 -2.98 15.66
N LYS A 60 15.98 -3.04 16.23
CA LYS A 60 15.75 -3.83 17.43
C LYS A 60 14.38 -4.45 17.28
N TYR A 61 14.28 -5.74 17.58
CA TYR A 61 13.01 -6.42 17.44
C TYR A 61 12.90 -7.54 18.48
N GLU A 62 12.13 -7.29 19.53
CA GLU A 62 11.95 -8.31 20.55
C GLU A 62 10.48 -8.44 20.90
N VAL A 63 10.00 -9.68 20.82
CA VAL A 63 8.62 -10.00 21.12
C VAL A 63 8.65 -11.13 22.14
N VAL A 64 8.35 -10.80 23.40
CA VAL A 64 8.33 -11.79 24.47
C VAL A 64 7.17 -12.74 24.21
N GLU A 65 5.99 -12.16 24.01
CA GLU A 65 4.80 -12.94 23.71
C GLU A 65 4.09 -12.19 22.59
N PRO A 66 3.82 -12.90 21.48
CA PRO A 66 3.15 -12.24 20.36
C PRO A 66 1.76 -11.74 20.72
N GLU A 67 1.25 -10.80 19.95
CA GLU A 67 -0.08 -10.28 20.17
C GLU A 67 -0.58 -9.34 19.08
N THR A 68 -1.89 -9.16 19.06
CA THR A 68 -2.56 -8.31 18.10
C THR A 68 -3.03 -7.05 18.80
N ILE A 69 -2.87 -5.91 18.15
CA ILE A 69 -3.32 -4.65 18.75
C ILE A 69 -4.14 -3.85 17.75
N GLY A 70 -5.18 -3.20 18.26
CA GLY A 70 -6.02 -2.39 17.40
C GLY A 70 -5.43 -1.00 17.32
N VAL A 71 -5.45 -0.43 16.11
CA VAL A 71 -4.88 0.89 15.91
C VAL A 71 -5.73 1.77 15.01
N ASN A 72 -5.93 3.01 15.42
CA ASN A 72 -6.66 3.93 14.58
C ASN A 72 -5.58 4.62 13.75
N LEU A 73 -5.56 4.34 12.45
CA LEU A 73 -4.54 4.91 11.57
C LEU A 73 -4.50 6.43 11.58
N ASP A 74 -5.66 7.06 11.70
CA ASP A 74 -5.74 8.51 11.71
C ASP A 74 -5.04 9.07 12.94
N HIS A 75 -5.25 8.43 14.08
CA HIS A 75 -4.62 8.89 15.31
C HIS A 75 -3.11 8.64 15.23
N LEU A 76 -2.71 7.46 14.75
CA LEU A 76 -1.29 7.12 14.65
C LEU A 76 -0.62 8.12 13.71
N LYS A 77 -1.29 8.39 12.60
CA LYS A 77 -0.81 9.34 11.59
C LYS A 77 -0.39 10.67 12.21
N LYS A 78 -1.26 11.25 13.03
CA LYS A 78 -0.98 12.53 13.65
C LYS A 78 0.24 12.47 14.55
N ILE A 79 0.35 11.39 15.32
CA ILE A 79 1.47 11.21 16.22
C ILE A 79 2.81 11.11 15.50
N LEU A 80 2.83 10.44 14.36
CA LEU A 80 4.07 10.27 13.59
C LEU A 80 4.38 11.42 12.64
N LYS A 81 3.43 12.35 12.50
CA LYS A 81 3.58 13.50 11.61
C LYS A 81 4.85 14.32 11.76
N ARG A 82 5.38 14.46 12.97
CA ARG A 82 6.61 15.23 13.14
C ARG A 82 7.87 14.39 13.25
N GLY A 83 7.77 13.12 12.89
CA GLY A 83 8.95 12.29 12.92
C GLY A 83 9.74 12.75 11.71
N LYS A 84 11.05 12.90 11.87
CA LYS A 84 11.90 13.35 10.76
C LYS A 84 12.53 12.15 10.05
N ALA A 85 13.12 12.43 8.89
CA ALA A 85 13.75 11.41 8.06
C ALA A 85 14.75 10.53 8.80
N LYS A 86 15.47 11.10 9.76
CA LYS A 86 16.47 10.34 10.49
C LYS A 86 16.12 10.03 11.93
N ASP A 87 14.90 10.39 12.34
CA ASP A 87 14.45 10.11 13.69
C ASP A 87 14.30 8.60 13.89
N THR A 88 14.51 8.16 15.13
CA THR A 88 14.35 6.77 15.49
C THR A 88 12.91 6.65 16.00
N LEU A 89 12.27 5.53 15.68
CA LEU A 89 10.90 5.28 16.08
C LEU A 89 10.84 4.01 16.91
N ILE A 90 10.19 4.10 18.06
CA ILE A 90 10.08 2.95 18.94
C ILE A 90 8.63 2.62 19.26
N LEU A 91 8.27 1.35 19.10
CA LEU A 91 6.93 0.90 19.41
C LEU A 91 7.11 -0.10 20.54
N LYS A 92 6.60 0.26 21.70
CA LYS A 92 6.73 -0.59 22.87
C LYS A 92 5.41 -0.83 23.58
N LYS A 93 5.16 -2.10 23.89
CA LYS A 93 3.95 -2.47 24.62
C LYS A 93 4.24 -3.44 25.75
N GLY A 94 3.67 -3.16 26.92
CA GLY A 94 3.86 -4.01 28.07
C GLY A 94 2.60 -4.82 28.23
N GLU A 95 2.27 -5.17 29.48
CA GLU A 95 1.07 -5.95 29.74
C GLU A 95 -0.21 -5.14 29.62
N GLU A 96 -0.13 -3.87 30.00
CA GLU A 96 -1.27 -2.96 29.94
C GLU A 96 -1.76 -2.76 28.51
N ASN A 97 -2.99 -2.26 28.37
CA ASN A 97 -3.57 -2.02 27.06
C ASN A 97 -3.21 -0.66 26.46
N PHE A 98 -1.92 -0.34 26.45
CA PHE A 98 -1.46 0.93 25.90
C PHE A 98 -0.30 0.71 24.94
N LEU A 99 -0.10 1.65 24.04
CA LEU A 99 1.00 1.57 23.10
C LEU A 99 1.90 2.76 23.39
N GLU A 100 3.20 2.50 23.50
CA GLU A 100 4.13 3.57 23.74
C GLU A 100 4.88 3.83 22.44
N ILE A 101 4.70 5.02 21.91
CA ILE A 101 5.33 5.43 20.66
C ILE A 101 6.37 6.52 20.94
N THR A 102 7.64 6.19 20.72
CA THR A 102 8.69 7.16 20.95
C THR A 102 9.35 7.57 19.64
N ILE A 103 9.54 8.88 19.47
CA ILE A 103 10.21 9.42 18.29
C ILE A 103 11.45 10.07 18.85
N GLN A 104 12.61 9.50 18.52
CA GLN A 104 13.90 9.95 19.03
C GLN A 104 14.88 10.52 18.01
N GLY A 105 15.16 11.81 18.15
CA GLY A 105 16.08 12.51 17.27
C GLY A 105 16.79 13.61 18.04
N THR A 106 16.36 14.84 17.83
CA THR A 106 16.93 15.98 18.51
C THR A 106 16.52 15.93 19.98
N ALA A 107 15.40 15.25 20.24
CA ALA A 107 14.88 15.07 21.59
C ALA A 107 14.18 13.71 21.64
N THR A 108 13.86 13.24 22.83
CA THR A 108 13.16 11.97 22.97
C THR A 108 11.68 12.24 23.31
N ARG A 109 10.79 12.02 22.35
CA ARG A 109 9.38 12.26 22.55
C ARG A 109 8.54 10.98 22.63
N THR A 110 7.93 10.72 23.77
CA THR A 110 7.14 9.51 23.88
C THR A 110 5.66 9.73 24.17
N PHE A 111 4.83 9.12 23.33
CA PHE A 111 3.38 9.20 23.47
C PHE A 111 2.82 7.88 24.05
N ARG A 112 1.82 8.00 24.91
CA ARG A 112 1.14 6.84 25.49
C ARG A 112 -0.28 6.89 24.95
N VAL A 113 -0.63 5.95 24.08
CA VAL A 113 -1.97 5.96 23.51
C VAL A 113 -2.75 4.70 23.87
N PRO A 114 -3.99 4.87 24.36
CA PRO A 114 -4.82 3.73 24.75
C PRO A 114 -5.16 2.91 23.51
N LEU A 115 -5.00 1.59 23.62
CA LEU A 115 -5.28 0.70 22.51
C LEU A 115 -6.74 0.26 22.47
N ILE A 116 -7.27 0.09 21.27
CA ILE A 116 -8.65 -0.35 21.07
C ILE A 116 -8.69 -1.55 20.16
N ASP A 117 -9.50 -2.54 20.50
CA ASP A 117 -9.62 -3.76 19.70
C ASP A 117 -10.27 -3.51 18.34
N VAL A 118 -9.77 -4.21 17.33
CA VAL A 118 -10.28 -4.11 15.97
C VAL A 118 -10.43 -5.51 15.38
N GLU A 119 -11.67 -5.95 15.17
CA GLU A 119 -11.91 -7.28 14.62
C GLU A 119 -11.75 -7.30 13.09
N PRO A 126 -6.80 -16.42 -1.24
CA PRO A 126 -7.06 -17.23 -2.45
C PRO A 126 -6.23 -16.77 -3.64
N GLU A 127 -5.04 -17.35 -3.79
CA GLU A 127 -4.15 -16.99 -4.89
C GLU A 127 -4.86 -16.80 -6.21
N LEU A 128 -4.51 -15.72 -6.91
CA LEU A 128 -5.13 -15.42 -8.20
C LEU A 128 -4.16 -15.70 -9.35
N PRO A 129 -4.69 -16.22 -10.46
CA PRO A 129 -3.89 -16.54 -11.65
C PRO A 129 -3.63 -15.33 -12.55
N PHE A 130 -2.90 -14.35 -12.03
CA PHE A 130 -2.55 -13.15 -12.78
C PHE A 130 -1.82 -13.55 -14.06
N THR A 131 -2.24 -12.99 -15.19
CA THR A 131 -1.60 -13.32 -16.45
C THR A 131 -0.67 -12.21 -16.92
N ALA A 132 -0.46 -11.19 -16.08
CA ALA A 132 0.42 -10.09 -16.45
C ALA A 132 1.11 -9.44 -15.27
N LYS A 133 2.33 -9.00 -15.49
CA LYS A 133 3.12 -8.34 -14.47
C LYS A 133 3.98 -7.24 -15.07
N VAL A 134 3.95 -6.06 -14.46
CA VAL A 134 4.79 -4.95 -14.91
C VAL A 134 5.30 -4.25 -13.66
N VAL A 135 6.48 -3.65 -13.78
CA VAL A 135 7.07 -2.91 -12.68
C VAL A 135 7.25 -1.49 -13.23
N VAL A 136 6.66 -0.51 -12.57
CA VAL A 136 6.72 0.86 -13.04
C VAL A 136 7.10 1.84 -11.94
N LEU A 137 7.59 2.99 -12.36
CA LEU A 137 7.96 4.06 -11.43
C LEU A 137 6.66 4.65 -10.90
N GLY A 138 6.57 4.83 -9.58
CA GLY A 138 5.37 5.39 -8.97
C GLY A 138 4.82 6.61 -9.67
N GLU A 139 5.71 7.42 -10.25
CA GLU A 139 5.31 8.63 -10.96
C GLU A 139 4.37 8.31 -12.13
N VAL A 140 4.60 7.16 -12.76
CA VAL A 140 3.76 6.77 -13.89
C VAL A 140 2.32 6.49 -13.49
N LEU A 141 2.14 5.83 -12.35
CA LEU A 141 0.79 5.52 -11.89
C LEU A 141 0.12 6.80 -11.40
N LYS A 142 0.85 7.58 -10.62
CA LYS A 142 0.32 8.84 -10.09
C LYS A 142 -0.15 9.76 -11.22
N ASP A 143 0.66 9.88 -12.27
CA ASP A 143 0.29 10.74 -13.39
C ASP A 143 -0.82 10.11 -14.23
N ALA A 144 -0.71 8.81 -14.47
CA ALA A 144 -1.71 8.10 -15.27
C ALA A 144 -3.11 8.17 -14.63
N VAL A 145 -3.18 8.10 -13.31
CA VAL A 145 -4.46 8.16 -12.63
C VAL A 145 -5.08 9.56 -12.72
N LYS A 146 -4.26 10.60 -12.56
CA LYS A 146 -4.77 11.97 -12.66
C LYS A 146 -5.17 12.24 -14.10
N ASP A 147 -4.39 11.74 -15.05
CA ASP A 147 -4.72 11.96 -16.46
C ASP A 147 -6.10 11.38 -16.69
N ALA A 148 -6.28 10.11 -16.33
CA ALA A 148 -7.54 9.41 -16.51
C ALA A 148 -8.71 10.11 -15.81
N SER A 149 -8.47 10.63 -14.61
CA SER A 149 -9.52 11.30 -13.87
C SER A 149 -10.05 12.52 -14.61
N LEU A 150 -9.21 13.10 -15.47
CA LEU A 150 -9.62 14.27 -16.24
C LEU A 150 -10.67 13.93 -17.29
N VAL A 151 -10.78 12.65 -17.63
CA VAL A 151 -11.75 12.25 -18.64
C VAL A 151 -12.73 11.18 -18.20
N SER A 152 -12.46 10.51 -17.08
CA SER A 152 -13.35 9.45 -16.62
C SER A 152 -13.14 8.96 -15.18
N ASP A 153 -14.05 8.12 -14.73
CA ASP A 153 -13.98 7.57 -13.39
C ASP A 153 -13.57 6.11 -13.53
N SER A 154 -13.19 5.74 -14.74
CA SER A 154 -12.78 4.39 -15.07
C SER A 154 -11.51 4.41 -15.93
N ILE A 155 -10.62 3.45 -15.69
CA ILE A 155 -9.37 3.36 -16.43
C ILE A 155 -9.16 1.91 -16.81
N LYS A 156 -8.83 1.66 -18.07
CA LYS A 156 -8.64 0.30 -18.54
C LYS A 156 -7.15 -0.06 -18.62
N PHE A 157 -6.80 -1.20 -18.05
CA PHE A 157 -5.40 -1.65 -18.08
C PHE A 157 -5.24 -2.71 -19.16
N ILE A 158 -4.27 -2.52 -20.05
CA ILE A 158 -4.02 -3.47 -21.13
C ILE A 158 -2.54 -3.86 -21.19
N ALA A 159 -2.26 -5.15 -21.08
CA ALA A 159 -0.88 -5.61 -21.12
C ALA A 159 -0.67 -6.66 -22.20
N ARG A 160 0.45 -6.50 -22.92
CA ARG A 160 0.89 -7.41 -23.99
C ARG A 160 2.40 -7.51 -23.83
N GLU A 161 3.06 -8.23 -24.73
CA GLU A 161 4.51 -8.35 -24.66
C GLU A 161 5.16 -7.00 -24.98
N ASN A 162 5.97 -6.49 -24.06
CA ASN A 162 6.63 -5.21 -24.24
C ASN A 162 5.67 -4.06 -24.48
N GLU A 163 4.51 -4.10 -23.83
CA GLU A 163 3.54 -3.03 -23.98
C GLU A 163 2.51 -2.98 -22.85
N PHE A 164 2.59 -1.93 -22.03
CA PHE A 164 1.66 -1.74 -20.92
C PHE A 164 0.84 -0.51 -21.27
N ILE A 165 -0.47 -0.67 -21.26
CA ILE A 165 -1.35 0.43 -21.59
C ILE A 165 -2.48 0.66 -20.59
N MET A 166 -2.66 1.93 -20.23
CA MET A 166 -3.73 2.35 -19.34
C MET A 166 -4.45 3.42 -20.16
N LYS A 167 -5.76 3.25 -20.33
CA LYS A 167 -6.51 4.22 -21.11
C LYS A 167 -7.88 4.49 -20.49
N ALA A 168 -8.43 5.64 -20.85
CA ALA A 168 -9.73 6.06 -20.35
C ALA A 168 -10.38 7.00 -21.36
N GLU A 169 -11.70 7.03 -21.35
CA GLU A 169 -12.44 7.90 -22.24
C GLU A 169 -13.80 8.29 -21.68
N GLY A 170 -14.10 9.58 -21.76
CA GLY A 170 -15.37 10.09 -21.25
C GLY A 170 -16.28 10.53 -22.38
N GLU A 171 -17.28 11.33 -22.04
CA GLU A 171 -18.24 11.82 -23.03
C GLU A 171 -17.58 12.42 -24.27
N THR A 172 -16.37 12.97 -24.12
CA THR A 172 -15.70 13.57 -25.26
C THR A 172 -14.23 13.18 -25.40
N GLN A 173 -13.40 13.66 -24.49
CA GLN A 173 -11.98 13.37 -24.54
C GLN A 173 -11.60 11.98 -24.05
N GLU A 174 -10.40 11.57 -24.43
CA GLU A 174 -9.85 10.29 -24.02
C GLU A 174 -8.37 10.46 -23.74
N VAL A 175 -7.81 9.54 -22.98
CA VAL A 175 -6.40 9.61 -22.67
C VAL A 175 -5.79 8.22 -22.70
N GLU A 176 -4.61 8.12 -23.29
CA GLU A 176 -3.92 6.84 -23.36
C GLU A 176 -2.49 6.98 -22.87
N ILE A 177 -2.16 6.24 -21.82
CA ILE A 177 -0.81 6.25 -21.26
C ILE A 177 -0.17 4.90 -21.66
N LYS A 178 0.84 4.96 -22.51
CA LYS A 178 1.50 3.76 -22.97
C LYS A 178 2.98 3.69 -22.64
N LEU A 179 3.45 2.50 -22.27
CA LEU A 179 4.85 2.31 -21.95
C LEU A 179 5.39 1.04 -22.62
N THR A 180 6.68 1.08 -22.93
CA THR A 180 7.40 -0.06 -23.50
C THR A 180 8.70 -0.07 -22.72
N LEU A 181 9.53 -1.09 -22.91
CA LEU A 181 10.80 -1.16 -22.20
C LEU A 181 11.74 0.03 -22.45
N GLU A 182 11.60 0.67 -23.62
CA GLU A 182 12.42 1.82 -23.97
C GLU A 182 12.17 2.99 -23.03
N ASP A 183 10.99 3.00 -22.42
CA ASP A 183 10.63 4.07 -21.51
C ASP A 183 11.25 3.84 -20.13
N GLU A 184 11.81 4.87 -19.52
CA GLU A 184 12.41 4.68 -18.21
C GLU A 184 11.33 4.53 -17.15
N GLY A 185 10.07 4.63 -17.56
CA GLY A 185 8.96 4.47 -16.63
C GLY A 185 8.59 3.00 -16.45
N LEU A 186 8.92 2.16 -17.42
CA LEU A 186 8.61 0.74 -17.34
C LEU A 186 9.91 -0.01 -17.02
N LEU A 187 10.00 -0.57 -15.80
CA LEU A 187 11.19 -1.28 -15.37
C LEU A 187 11.22 -2.76 -15.69
N ASP A 188 10.04 -3.34 -15.96
CA ASP A 188 9.98 -4.77 -16.25
C ASP A 188 8.59 -5.12 -16.74
N ILE A 189 8.52 -6.10 -17.64
CA ILE A 189 7.26 -6.56 -18.21
C ILE A 189 7.30 -8.07 -18.50
N GLU A 190 6.35 -8.80 -17.93
CA GLU A 190 6.25 -10.24 -18.13
C GLU A 190 4.79 -10.56 -18.33
N VAL A 191 4.39 -10.81 -19.57
CA VAL A 191 3.01 -11.12 -19.90
C VAL A 191 2.88 -12.53 -20.46
N GLN A 192 1.90 -13.26 -19.94
CA GLN A 192 1.65 -14.64 -20.36
C GLN A 192 0.63 -14.70 -21.50
N GLU A 193 -0.05 -13.58 -21.74
CA GLU A 193 -1.05 -13.48 -22.79
C GLU A 193 -1.67 -12.09 -22.70
N GLU A 194 -2.25 -11.61 -23.80
CA GLU A 194 -2.89 -10.30 -23.80
C GLU A 194 -3.88 -10.21 -22.62
N THR A 195 -3.58 -9.34 -21.66
CA THR A 195 -4.41 -9.18 -20.48
C THR A 195 -5.14 -7.84 -20.40
N LYS A 196 -6.45 -7.90 -20.17
CA LYS A 196 -7.26 -6.70 -20.09
C LYS A 196 -8.22 -6.69 -18.90
N SER A 197 -8.34 -5.52 -18.27
CA SER A 197 -9.22 -5.36 -17.12
C SER A 197 -9.37 -3.86 -16.87
N ALA A 198 -10.44 -3.48 -16.19
CA ALA A 198 -10.70 -2.06 -15.94
C ALA A 198 -10.82 -1.83 -14.45
N TYR A 199 -10.53 -0.61 -14.00
CA TYR A 199 -10.61 -0.27 -12.57
C TYR A 199 -11.15 1.12 -12.27
N GLY A 200 -11.55 1.33 -11.03
CA GLY A 200 -12.09 2.61 -10.62
C GLY A 200 -10.99 3.62 -10.35
N VAL A 201 -11.09 4.78 -11.00
CA VAL A 201 -10.08 5.83 -10.83
C VAL A 201 -9.93 6.33 -9.39
N SER A 202 -11.06 6.53 -8.70
CA SER A 202 -11.02 7.01 -7.30
C SER A 202 -10.23 6.06 -6.40
N TYR A 203 -10.54 4.78 -6.48
CA TYR A 203 -9.81 3.80 -5.67
C TYR A 203 -8.31 3.86 -5.97
N LEU A 204 -7.95 3.86 -7.26
CA LEU A 204 -6.53 3.92 -7.64
C LEU A 204 -5.91 5.22 -7.14
N SER A 205 -6.69 6.30 -7.22
CA SER A 205 -6.22 7.59 -6.75
C SER A 205 -5.86 7.47 -5.27
N ASP A 206 -6.73 6.86 -4.47
CA ASP A 206 -6.41 6.70 -3.05
C ASP A 206 -5.20 5.76 -2.86
N MET A 207 -5.12 4.71 -3.67
CA MET A 207 -4.03 3.72 -3.60
C MET A 207 -2.66 4.29 -3.96
N VAL A 208 -2.63 5.19 -4.93
CA VAL A 208 -1.38 5.75 -5.40
C VAL A 208 -1.02 7.07 -4.76
N LYS A 209 -1.97 7.67 -4.05
CA LYS A 209 -1.78 8.97 -3.39
C LYS A 209 -0.51 8.99 -2.53
N GLY A 210 -0.42 8.07 -1.57
CA GLY A 210 0.74 8.02 -0.71
C GLY A 210 1.98 7.50 -1.42
N LEU A 211 1.77 6.93 -2.62
CA LEU A 211 2.85 6.37 -3.44
C LEU A 211 3.93 7.41 -3.71
N GLY A 212 5.17 6.93 -3.79
CA GLY A 212 6.28 7.83 -4.05
C GLY A 212 6.63 7.90 -5.52
N LYS A 213 7.13 9.06 -5.95
CA LYS A 213 7.51 9.30 -7.34
C LYS A 213 8.50 8.29 -7.91
N ALA A 214 9.53 7.96 -7.13
CA ALA A 214 10.57 7.03 -7.58
C ALA A 214 10.42 5.59 -7.06
N ASP A 215 9.36 5.32 -6.30
CA ASP A 215 9.15 3.97 -5.78
C ASP A 215 8.95 3.01 -6.94
N GLU A 216 9.48 1.80 -6.81
CA GLU A 216 9.32 0.80 -7.85
C GLU A 216 8.09 -0.03 -7.50
N VAL A 217 7.02 0.17 -8.27
CA VAL A 217 5.77 -0.54 -8.02
C VAL A 217 5.54 -1.72 -8.96
N THR A 218 5.11 -2.83 -8.39
CA THR A 218 4.82 -4.03 -9.17
C THR A 218 3.30 -4.17 -9.26
N ILE A 219 2.82 -4.57 -10.43
CA ILE A 219 1.40 -4.73 -10.65
C ILE A 219 1.08 -6.02 -11.35
N LYS A 220 0.11 -6.74 -10.82
CA LYS A 220 -0.33 -8.00 -11.40
C LYS A 220 -1.84 -8.03 -11.57
N PHE A 221 -2.30 -8.58 -12.68
CA PHE A 221 -3.73 -8.68 -12.92
C PHE A 221 -4.07 -9.69 -14.01
N GLY A 222 -5.35 -9.94 -14.17
CA GLY A 222 -5.80 -10.88 -15.17
C GLY A 222 -7.01 -10.29 -15.85
N ASN A 223 -7.53 -11.00 -16.85
CA ASN A 223 -8.71 -10.53 -17.58
C ASN A 223 -9.91 -10.38 -16.66
N GLU A 224 -10.42 -9.15 -16.57
CA GLU A 224 -11.57 -8.85 -15.73
C GLU A 224 -11.37 -9.42 -14.33
N MET A 225 -10.12 -9.38 -13.87
CA MET A 225 -9.74 -9.88 -12.55
C MET A 225 -9.18 -8.73 -11.72
N PRO A 226 -9.14 -8.89 -10.38
CA PRO A 226 -8.60 -7.80 -9.58
C PRO A 226 -7.14 -7.54 -9.88
N MET A 227 -6.67 -6.39 -9.44
CA MET A 227 -5.30 -5.99 -9.66
C MET A 227 -4.55 -5.99 -8.35
N GLN A 228 -3.34 -6.54 -8.36
CA GLN A 228 -2.53 -6.53 -7.17
C GLN A 228 -1.43 -5.50 -7.36
N MET A 229 -1.33 -4.56 -6.42
CA MET A 229 -0.33 -3.52 -6.50
C MET A 229 0.55 -3.51 -5.25
N GLU A 230 1.84 -3.70 -5.42
CA GLU A 230 2.72 -3.68 -4.28
C GLU A 230 4.03 -2.92 -4.51
N TYR A 231 4.62 -2.46 -3.40
CA TYR A 231 5.90 -1.78 -3.43
C TYR A 231 6.58 -2.17 -2.11
N TYR A 232 7.92 -2.18 -2.13
CA TYR A 232 8.68 -2.61 -0.97
C TYR A 232 9.23 -1.52 -0.06
N ILE A 233 9.47 -1.92 1.18
CA ILE A 233 9.99 -1.06 2.26
C ILE A 233 11.29 -1.71 2.75
N ARG A 234 12.41 -0.99 2.64
CA ARG A 234 13.71 -1.50 3.05
C ARG A 234 13.87 -2.92 2.49
N ASP A 235 13.51 -3.06 1.21
CA ASP A 235 13.57 -4.31 0.45
C ASP A 235 12.74 -5.46 1.02
N GLU A 236 12.89 -5.74 2.31
CA GLU A 236 12.18 -6.85 2.95
C GLU A 236 10.72 -6.56 3.28
N GLY A 237 10.39 -5.30 3.53
CA GLY A 237 9.03 -4.94 3.85
C GLY A 237 8.17 -4.91 2.60
N ARG A 238 6.86 -4.99 2.78
CA ARG A 238 5.97 -5.00 1.64
C ARG A 238 4.57 -4.45 1.97
N LEU A 239 4.06 -3.60 1.10
CA LEU A 239 2.71 -3.06 1.25
C LEU A 239 2.00 -3.51 -0.03
N THR A 240 0.93 -4.27 0.13
CA THR A 240 0.20 -4.79 -1.03
C THR A 240 -1.28 -4.42 -1.06
N PHE A 241 -1.72 -3.92 -2.21
CA PHE A 241 -3.12 -3.55 -2.44
C PHE A 241 -3.75 -4.58 -3.36
N LEU A 242 -4.99 -4.96 -3.08
CA LEU A 242 -5.72 -5.90 -3.94
C LEU A 242 -7.02 -5.14 -4.24
N LEU A 243 -7.23 -4.81 -5.52
CA LEU A 243 -8.38 -4.01 -5.95
C LEU A 243 -9.34 -4.75 -6.91
N ALA A 244 -10.61 -4.85 -6.51
CA ALA A 244 -11.61 -5.52 -7.33
C ALA A 244 -11.81 -4.73 -8.64
N PRO A 245 -12.02 -5.45 -9.76
CA PRO A 245 -12.21 -4.86 -11.09
C PRO A 245 -13.59 -4.25 -11.37
N ARG A 246 -13.68 -3.47 -12.45
CA ARG A 246 -14.93 -2.85 -12.85
C ARG A 246 -15.56 -3.59 -14.04
N VAL A 247 -15.72 -4.90 -13.91
CA VAL A 247 -16.31 -5.72 -14.96
C VAL A 247 -17.72 -5.27 -15.33
C ACE B 1 -19.48 -1.42 -14.66
O ACE B 1 -19.21 -0.29 -14.25
CH3 ACE B 1 -19.25 -1.79 -16.11
N LYS B 2 -19.96 -2.39 -13.87
CA LYS B 2 -20.21 -2.16 -12.46
C LYS B 2 -18.95 -2.44 -11.64
N GLN B 3 -18.84 -1.80 -10.47
CA GLN B 3 -17.69 -2.02 -9.61
C GLN B 3 -17.91 -3.30 -8.82
N ALA B 4 -17.11 -4.32 -9.09
CA ALA B 4 -17.24 -5.59 -8.40
C ALA B 4 -16.66 -5.47 -7.00
N THR B 5 -17.04 -6.40 -6.11
CA THR B 5 -16.52 -6.42 -4.75
C THR B 5 -15.48 -7.53 -4.68
N LEU B 6 -14.57 -7.43 -3.72
CA LEU B 6 -13.56 -8.45 -3.55
C LEU B 6 -14.27 -9.74 -3.20
N PHE B 7 -15.50 -9.60 -2.70
CA PHE B 7 -16.34 -10.73 -2.33
C PHE B 7 -16.66 -11.59 -3.56
N ASP B 8 -16.48 -11.04 -4.77
CA ASP B 8 -16.77 -11.79 -5.98
C ASP B 8 -15.63 -12.71 -6.42
N PHE B 9 -14.47 -12.58 -5.76
CA PHE B 9 -13.32 -13.40 -6.14
C PHE B 9 -12.78 -14.21 -4.96
#